data_6JDA
#
_entry.id   6JDA
#
_cell.length_a   103.816
_cell.length_b   173.732
_cell.length_c   48.060
_cell.angle_alpha   90.000
_cell.angle_beta   90.000
_cell.angle_gamma   90.000
#
_symmetry.space_group_name_H-M   'C 2 2 21'
#
loop_
_entity.id
_entity.type
_entity.pdbx_description
1 polymer 'N-acetylmannosamine kinase'
2 non-polymer 2-acetamido-2-deoxy-alpha-D-mannopyranose
3 non-polymer 'ZINC ION'
4 non-polymer GLYCEROL
5 water water
#
_entity_poly.entity_id   1
_entity_poly.type   'polypeptide(L)'
_entity_poly.pdbx_seq_one_letter_code
;MRCLALDIGGTKIASAIVTDGKIEQRQQIATPQADAANAMHDTLANILALYAGQFDYVAVASTGIINHGVLTALNPKNLG
GLAEFPLKESIARHTDKPIGLLNDVQAAACAEYKDEDKNAVQNFVFITVSTGVGGGIILERRLLTEPNGVAGHIGHTLAD
PNGPVCGCGRVGCVEAVAAGRAIEAVSSQWNPPCTPKQAFELFRKNDEKATALIQRSASAIANLIADLVIGLDVQKVVVG
GSVGLAEGYLPLVKQYLNTMPHFYHCTVEQARHGQDAGLLGAAWWVADCLK
;
_entity_poly.pdbx_strand_id   A
#
# COMPACT_ATOMS: atom_id res chain seq x y z
N MET A 1 -15.79 -19.70 5.93
CA MET A 1 -16.97 -19.11 5.31
C MET A 1 -17.33 -17.70 5.85
N ARG A 2 -16.69 -17.27 6.95
CA ARG A 2 -16.97 -16.02 7.66
C ARG A 2 -15.65 -15.44 8.17
N CYS A 3 -15.25 -14.26 7.68
CA CYS A 3 -13.86 -13.79 7.78
C CYS A 3 -13.70 -12.44 8.48
N LEU A 4 -12.64 -12.37 9.31
CA LEU A 4 -12.20 -11.15 10.00
C LEU A 4 -11.03 -10.56 9.24
N ALA A 5 -11.25 -9.41 8.62
CA ALA A 5 -10.23 -8.71 7.83
C ALA A 5 -9.61 -7.60 8.67
N LEU A 6 -8.28 -7.51 8.68
CA LEU A 6 -7.58 -6.39 9.29
C LEU A 6 -6.66 -5.74 8.26
N ASP A 7 -6.48 -4.40 8.40
CA ASP A 7 -5.71 -3.55 7.48
C ASP A 7 -4.80 -2.64 8.32
N ILE A 8 -3.74 -3.22 8.86
CA ILE A 8 -2.78 -2.48 9.67
C ILE A 8 -1.97 -1.53 8.78
N GLY A 9 -1.98 -0.24 9.13
CA GLY A 9 -1.27 0.77 8.37
C GLY A 9 -0.35 1.59 9.26
N GLY A 10 0.32 2.54 8.64
CA GLY A 10 1.06 3.49 9.42
C GLY A 10 0.15 4.37 10.27
N THR A 11 -1.01 4.74 9.73
CA THR A 11 -1.83 5.76 10.36
C THR A 11 -3.00 5.18 11.15
N LYS A 12 -3.73 4.20 10.59
CA LYS A 12 -4.89 3.61 11.23
C LYS A 12 -4.86 2.09 11.08
N ILE A 13 -5.84 1.43 11.69
CA ILE A 13 -6.05 0.00 11.54
C ILE A 13 -7.52 -0.21 11.25
N ALA A 14 -7.82 -0.59 10.01
CA ALA A 14 -9.17 -0.93 9.64
C ALA A 14 -9.44 -2.41 9.90
N SER A 15 -10.70 -2.71 10.24
CA SER A 15 -11.17 -4.06 10.50
C SER A 15 -12.61 -4.14 10.03
N ALA A 16 -13.04 -5.35 9.69
CA ALA A 16 -14.41 -5.60 9.28
C ALA A 16 -14.63 -7.09 9.20
N ILE A 17 -15.89 -7.46 8.99
CA ILE A 17 -16.29 -8.84 8.75
C ILE A 17 -16.60 -8.93 7.28
N VAL A 18 -15.85 -9.77 6.58
CA VAL A 18 -16.01 -9.92 5.15
C VAL A 18 -16.66 -11.27 4.91
N THR A 19 -17.80 -11.22 4.24
CA THR A 19 -18.70 -12.36 4.09
C THR A 19 -19.24 -12.31 2.66
N ASP A 20 -18.88 -13.31 1.86
CA ASP A 20 -19.29 -13.37 0.44
C ASP A 20 -19.00 -12.06 -0.29
N GLY A 21 -17.78 -11.55 -0.07
CA GLY A 21 -17.29 -10.41 -0.81
C GLY A 21 -17.85 -9.06 -0.45
N LYS A 22 -18.68 -8.95 0.60
CA LYS A 22 -19.17 -7.66 1.05
C LYS A 22 -18.65 -7.38 2.45
N ILE A 23 -18.45 -6.10 2.74
CA ILE A 23 -17.87 -5.68 4.00
C ILE A 23 -18.97 -5.20 4.92
N GLU A 24 -18.93 -5.66 6.17
CA GLU A 24 -19.84 -5.19 7.19
C GLU A 24 -19.06 -5.06 8.49
N GLN A 25 -19.59 -4.22 9.39
CA GLN A 25 -19.05 -4.08 10.75
C GLN A 25 -17.66 -3.44 10.71
N ARG A 26 -17.55 -2.34 9.97
CA ARG A 26 -16.24 -1.77 9.66
C ARG A 26 -15.87 -0.76 10.75
N GLN A 27 -14.81 -1.07 11.50
CA GLN A 27 -14.21 -0.17 12.47
C GLN A 27 -12.81 0.25 12.03
N GLN A 28 -12.31 1.32 12.63
CA GLN A 28 -10.93 1.73 12.43
C GLN A 28 -10.44 2.50 13.65
N ILE A 29 -9.29 2.10 14.18
CA ILE A 29 -8.65 2.78 15.29
C ILE A 29 -7.30 3.32 14.82
N ALA A 30 -6.90 4.48 15.37
CA ALA A 30 -5.55 4.99 15.17
C ALA A 30 -4.51 3.91 15.50
N THR A 31 -3.40 3.91 14.74
CA THR A 31 -2.31 2.95 15.00
C THR A 31 -1.37 3.49 16.07
N PRO A 32 -1.17 2.78 17.19
CA PRO A 32 -0.31 3.30 18.26
C PRO A 32 1.13 3.35 17.77
N GLN A 33 1.85 4.39 18.20
CA GLN A 33 3.16 4.60 17.62
C GLN A 33 4.23 4.71 18.69
N ALA A 34 3.95 5.48 19.76
CA ALA A 34 4.83 5.43 20.92
C ALA A 34 4.68 4.07 21.58
N ASP A 35 5.80 3.44 21.89
CA ASP A 35 5.80 2.15 22.60
C ASP A 35 5.04 1.09 21.79
N ALA A 36 5.31 1.05 20.48
CA ALA A 36 4.46 0.28 19.57
C ALA A 36 4.62 -1.23 19.74
N ALA A 37 5.83 -1.67 20.11
CA ALA A 37 6.10 -3.10 20.27
C ALA A 37 5.22 -3.72 21.34
N ASN A 38 4.80 -2.93 22.33
CA ASN A 38 3.88 -3.36 23.36
C ASN A 38 2.45 -2.90 23.06
N ALA A 39 2.30 -1.62 22.72
CA ALA A 39 0.99 -1.01 22.47
C ALA A 39 0.15 -1.78 21.46
N MET A 40 0.79 -2.55 20.59
CA MET A 40 0.08 -3.19 19.49
C MET A 40 -0.57 -4.51 19.88
N HIS A 41 0.06 -5.28 20.75
CA HIS A 41 -0.63 -6.42 21.34
C HIS A 41 -1.95 -5.96 21.95
N ASP A 42 -1.92 -4.87 22.72
CA ASP A 42 -3.13 -4.35 23.35
C ASP A 42 -4.17 -3.94 22.31
N THR A 43 -3.72 -3.35 21.20
CA THR A 43 -4.67 -2.94 20.16
C THR A 43 -5.30 -4.14 19.48
N LEU A 44 -4.47 -5.13 19.18
CA LEU A 44 -4.98 -6.37 18.60
C LEU A 44 -5.90 -7.07 19.57
N ALA A 45 -5.48 -7.16 20.85
CA ALA A 45 -6.33 -7.68 21.92
C ALA A 45 -7.71 -7.05 21.91
N ASN A 46 -7.76 -5.70 21.85
CA ASN A 46 -9.03 -5.01 21.84
C ASN A 46 -9.84 -5.34 20.59
N ILE A 47 -9.17 -5.59 19.46
CA ILE A 47 -9.89 -5.80 18.20
C ILE A 47 -10.52 -7.19 18.18
N LEU A 48 -9.80 -8.19 18.66
CA LEU A 48 -10.36 -9.54 18.72
C LEU A 48 -11.26 -9.76 19.91
N ALA A 49 -11.45 -8.75 20.75
CA ALA A 49 -12.49 -8.77 21.77
C ALA A 49 -13.85 -8.37 21.18
N LEU A 50 -13.90 -7.23 20.48
CA LEU A 50 -15.15 -6.74 19.92
C LEU A 50 -15.70 -7.63 18.79
N TYR A 51 -14.83 -8.40 18.11
CA TYR A 51 -15.27 -9.23 17.00
C TYR A 51 -15.40 -10.71 17.33
N ALA A 52 -14.79 -11.19 18.42
CA ALA A 52 -14.72 -12.63 18.70
C ALA A 52 -16.11 -13.24 18.65
N GLY A 53 -16.19 -14.43 18.05
CA GLY A 53 -17.47 -15.00 17.80
C GLY A 53 -17.97 -14.79 16.38
N GLN A 54 -17.81 -13.59 15.81
CA GLN A 54 -18.36 -13.31 14.49
C GLN A 54 -17.47 -13.75 13.32
N PHE A 55 -16.38 -14.47 13.57
CA PHE A 55 -15.43 -14.84 12.53
C PHE A 55 -15.06 -16.31 12.64
N ASP A 56 -14.67 -16.89 11.49
CA ASP A 56 -14.13 -18.26 11.42
C ASP A 56 -12.63 -18.30 11.11
N TYR A 57 -12.10 -17.29 10.42
CA TYR A 57 -10.66 -17.15 10.14
C TYR A 57 -10.35 -15.65 10.02
N VAL A 58 -9.10 -15.28 10.28
CA VAL A 58 -8.69 -13.88 10.17
C VAL A 58 -7.77 -13.70 8.97
N ALA A 59 -7.89 -12.56 8.30
CA ALA A 59 -7.16 -12.21 7.09
C ALA A 59 -6.46 -10.87 7.31
N VAL A 60 -5.15 -10.91 7.49
CA VAL A 60 -4.35 -9.73 7.85
C VAL A 60 -3.73 -9.12 6.60
N ALA A 61 -3.85 -7.80 6.46
CA ALA A 61 -3.19 -7.03 5.41
C ALA A 61 -2.47 -5.84 6.04
N SER A 62 -1.14 -5.90 6.15
CA SER A 62 -0.37 -4.86 6.84
C SER A 62 0.85 -4.41 6.04
N THR A 63 1.37 -3.22 6.36
CA THR A 63 2.60 -2.73 5.74
C THR A 63 3.79 -3.55 6.24
N GLY A 64 4.91 -3.47 5.51
CA GLY A 64 6.12 -4.17 5.88
C GLY A 64 6.27 -5.53 5.18
N ILE A 65 7.44 -6.14 5.35
CA ILE A 65 7.73 -7.42 4.70
C ILE A 65 7.10 -8.52 5.54
N ILE A 66 6.00 -9.08 5.05
CA ILE A 66 5.18 -10.03 5.81
C ILE A 66 5.62 -11.44 5.44
N ASN A 67 6.24 -12.13 6.39
CA ASN A 67 6.85 -13.44 6.13
C ASN A 67 6.85 -14.27 7.40
N HIS A 68 6.16 -15.42 7.37
CA HIS A 68 6.09 -16.36 8.49
C HIS A 68 5.42 -15.71 9.70
N GLY A 69 4.38 -14.92 9.43
CA GLY A 69 3.62 -14.24 10.46
C GLY A 69 4.44 -13.28 11.30
N VAL A 70 5.53 -12.78 10.74
CA VAL A 70 6.31 -11.71 11.34
C VAL A 70 6.33 -10.54 10.38
N LEU A 71 6.01 -9.35 10.88
CA LEU A 71 6.12 -8.12 10.11
C LEU A 71 7.52 -7.54 10.31
N THR A 72 8.28 -7.42 9.22
CA THR A 72 9.58 -6.75 9.25
C THR A 72 9.43 -5.45 8.49
N ALA A 73 9.68 -4.34 9.16
CA ALA A 73 9.58 -3.04 8.51
C ALA A 73 10.83 -2.79 7.69
N LEU A 74 10.64 -2.46 6.41
CA LEU A 74 11.74 -2.01 5.57
C LEU A 74 12.03 -0.53 5.83
N ASN A 75 11.03 0.33 5.62
CA ASN A 75 11.11 1.68 6.12
C ASN A 75 10.32 1.79 7.43
N PRO A 76 10.97 1.69 8.60
CA PRO A 76 10.23 1.68 9.86
C PRO A 76 9.71 3.05 10.30
N LYS A 77 10.17 4.13 9.66
CA LYS A 77 9.59 5.44 9.91
C LYS A 77 8.12 5.52 9.51
N ASN A 78 7.59 4.48 8.87
CA ASN A 78 6.18 4.35 8.58
C ASN A 78 5.41 3.68 9.72
N LEU A 79 6.06 3.49 10.88
CA LEU A 79 5.47 2.83 12.03
C LEU A 79 5.95 3.45 13.36
N GLY A 80 6.18 4.77 13.37
CA GLY A 80 6.72 5.44 14.53
C GLY A 80 8.13 5.02 14.93
N GLY A 81 8.66 4.01 14.25
CA GLY A 81 10.01 3.52 14.49
C GLY A 81 10.13 2.01 14.63
N LEU A 82 9.04 1.26 14.38
CA LEU A 82 8.93 -0.13 14.80
C LEU A 82 9.56 -1.05 13.76
N ALA A 83 10.62 -1.78 14.14
CA ALA A 83 11.42 -2.57 13.19
C ALA A 83 10.77 -3.92 12.84
N GLU A 84 10.28 -4.66 13.82
CA GLU A 84 9.52 -5.88 13.52
C GLU A 84 8.52 -6.11 14.65
N PHE A 85 7.54 -6.97 14.36
CA PHE A 85 6.44 -7.25 15.28
C PHE A 85 5.86 -8.63 15.04
N PRO A 86 5.76 -9.49 16.08
CA PRO A 86 5.25 -10.86 15.86
C PRO A 86 3.75 -10.91 15.63
N LEU A 87 3.34 -10.66 14.39
CA LEU A 87 1.93 -10.46 14.09
C LEU A 87 1.12 -11.74 14.30
N LYS A 88 1.56 -12.85 13.71
CA LYS A 88 0.78 -14.09 13.78
C LYS A 88 0.57 -14.54 15.22
N GLU A 89 1.65 -14.61 16.01
CA GLU A 89 1.54 -15.10 17.38
C GLU A 89 0.64 -14.22 18.24
N SER A 90 0.56 -12.92 17.92
CA SER A 90 -0.20 -12.02 18.76
C SER A 90 -1.69 -12.05 18.46
N ILE A 91 -2.06 -12.55 17.28
CA ILE A 91 -3.47 -12.83 17.03
C ILE A 91 -3.82 -14.21 17.57
N ALA A 92 -2.81 -15.05 17.86
CA ALA A 92 -3.04 -16.39 18.37
C ALA A 92 -3.49 -16.41 19.82
N ARG A 93 -3.25 -15.32 20.55
CA ARG A 93 -3.68 -15.24 21.94
C ARG A 93 -5.20 -15.20 22.07
N HIS A 94 -5.90 -14.75 21.02
CA HIS A 94 -7.30 -14.37 21.14
C HIS A 94 -8.23 -15.19 20.26
N THR A 95 -7.68 -16.18 19.54
CA THR A 95 -8.43 -17.14 18.75
C THR A 95 -7.43 -18.18 18.28
N ASP A 96 -7.89 -19.43 18.24
CA ASP A 96 -7.11 -20.49 17.62
C ASP A 96 -7.75 -20.95 16.31
N LYS A 97 -8.67 -20.14 15.76
CA LYS A 97 -9.09 -20.25 14.36
C LYS A 97 -7.95 -19.78 13.43
N PRO A 98 -7.98 -20.14 12.14
CA PRO A 98 -6.79 -19.96 11.29
C PRO A 98 -6.55 -18.52 10.82
N ILE A 99 -5.27 -18.21 10.61
CA ILE A 99 -4.76 -16.84 10.45
C ILE A 99 -3.95 -16.73 9.16
N GLY A 100 -4.41 -15.87 8.25
CA GLY A 100 -3.67 -15.62 7.03
C GLY A 100 -3.12 -14.22 6.91
N LEU A 101 -1.83 -14.05 6.58
CA LEU A 101 -1.19 -12.74 6.55
C LEU A 101 -0.54 -12.46 5.20
N LEU A 102 -0.45 -11.18 4.87
CA LEU A 102 -0.13 -10.72 3.52
C LEU A 102 0.15 -9.23 3.54
N ASN A 103 1.10 -8.79 2.71
CA ASN A 103 1.42 -7.36 2.68
C ASN A 103 0.17 -6.56 2.27
N ASP A 104 0.15 -5.27 2.65
CA ASP A 104 -1.09 -4.50 2.54
C ASP A 104 -1.43 -4.13 1.10
N VAL A 105 -0.43 -4.07 0.23
CA VAL A 105 -0.68 -3.67 -1.15
C VAL A 105 -0.60 -4.85 -2.10
N GLN A 106 0.08 -5.94 -1.71
CA GLN A 106 -0.20 -7.23 -2.33
C GLN A 106 -1.67 -7.59 -2.18
N ALA A 107 -2.21 -7.47 -0.98
CA ALA A 107 -3.63 -7.73 -0.75
C ALA A 107 -4.52 -6.83 -1.60
N ALA A 108 -4.29 -5.51 -1.55
CA ALA A 108 -5.07 -4.60 -2.39
C ALA A 108 -5.02 -5.00 -3.86
N ALA A 109 -3.90 -5.55 -4.33
CA ALA A 109 -3.78 -5.91 -5.74
C ALA A 109 -4.74 -7.04 -6.10
N CYS A 110 -4.97 -7.97 -5.17
CA CYS A 110 -5.92 -9.04 -5.45
C CYS A 110 -7.34 -8.50 -5.56
N ALA A 111 -7.66 -7.50 -4.74
CA ALA A 111 -8.96 -6.86 -4.82
C ALA A 111 -9.14 -6.21 -6.16
N GLU A 112 -8.10 -5.52 -6.64
CA GLU A 112 -8.18 -4.73 -7.85
C GLU A 112 -8.08 -5.57 -9.13
N TYR A 113 -7.58 -6.79 -9.03
CA TYR A 113 -7.29 -7.60 -10.20
C TYR A 113 -8.34 -8.65 -10.49
N LYS A 114 -9.00 -9.19 -9.46
CA LYS A 114 -9.94 -10.28 -9.66
C LYS A 114 -11.32 -9.79 -10.07
N ASP A 115 -11.39 -8.63 -10.74
CA ASP A 115 -12.53 -8.21 -11.55
C ASP A 115 -12.12 -7.79 -12.95
N GLU A 116 -10.82 -7.87 -13.27
CA GLU A 116 -10.29 -7.57 -14.58
C GLU A 116 -10.36 -8.79 -15.49
N ASP A 117 -10.63 -8.54 -16.77
CA ASP A 117 -10.53 -9.55 -17.82
C ASP A 117 -9.18 -10.26 -17.73
N LYS A 118 -9.14 -11.36 -16.99
CA LYS A 118 -7.91 -12.11 -16.81
C LYS A 118 -7.41 -12.71 -18.13
N ASN A 119 -8.05 -12.40 -19.27
CA ASN A 119 -7.55 -12.79 -20.59
C ASN A 119 -6.71 -11.67 -21.21
N ALA A 120 -7.25 -10.44 -21.24
CA ALA A 120 -6.48 -9.29 -21.73
C ALA A 120 -5.36 -8.91 -20.77
N VAL A 121 -5.57 -9.07 -19.46
CA VAL A 121 -4.67 -8.54 -18.45
C VAL A 121 -4.16 -9.70 -17.61
N GLN A 122 -2.95 -10.17 -17.90
CA GLN A 122 -2.36 -11.19 -17.06
C GLN A 122 -1.09 -10.75 -16.36
N ASN A 123 -0.53 -9.59 -16.72
CA ASN A 123 0.58 -8.96 -16.00
C ASN A 123 0.06 -7.63 -15.46
N PHE A 124 -0.23 -7.59 -14.17
CA PHE A 124 -1.00 -6.52 -13.54
C PHE A 124 -0.26 -6.05 -12.29
N VAL A 125 -0.24 -4.74 -12.07
CA VAL A 125 0.44 -4.21 -10.89
C VAL A 125 -0.44 -3.14 -10.26
N PHE A 126 -0.77 -3.32 -8.98
CA PHE A 126 -1.39 -2.26 -8.20
C PHE A 126 -0.26 -1.48 -7.51
N ILE A 127 -0.37 -0.17 -7.55
CA ILE A 127 0.61 0.75 -6.96
C ILE A 127 -0.13 1.69 -6.04
N THR A 128 0.26 1.76 -4.77
CA THR A 128 -0.31 2.77 -3.88
C THR A 128 0.71 3.87 -3.62
N VAL A 129 0.25 5.12 -3.65
CA VAL A 129 1.04 6.27 -3.22
C VAL A 129 0.28 6.86 -2.04
N SER A 130 0.70 6.47 -0.82
CA SER A 130 0.07 6.91 0.42
C SER A 130 1.13 7.42 1.38
N THR A 131 1.07 7.01 2.65
CA THR A 131 2.13 7.41 3.58
C THR A 131 3.47 6.87 3.08
N GLY A 132 3.45 5.69 2.45
CA GLY A 132 4.59 5.19 1.71
C GLY A 132 4.22 4.87 0.27
N VAL A 133 5.13 4.18 -0.44
CA VAL A 133 4.92 3.76 -1.82
C VAL A 133 5.17 2.27 -1.88
N GLY A 134 4.20 1.53 -2.40
CA GLY A 134 4.36 0.10 -2.53
C GLY A 134 3.52 -0.45 -3.65
N GLY A 135 3.71 -1.73 -3.91
CA GLY A 135 3.03 -2.34 -5.03
C GLY A 135 2.79 -3.80 -4.72
N GLY A 136 1.92 -4.38 -5.55
CA GLY A 136 1.64 -5.80 -5.51
C GLY A 136 1.57 -6.28 -6.93
N ILE A 137 2.39 -7.27 -7.25
CA ILE A 137 2.69 -7.64 -8.64
C ILE A 137 1.98 -8.94 -8.97
N ILE A 138 1.17 -8.91 -10.03
CA ILE A 138 0.52 -10.10 -10.57
C ILE A 138 1.14 -10.39 -11.93
N LEU A 139 1.69 -11.60 -12.08
CA LEU A 139 2.39 -12.04 -13.28
C LEU A 139 1.86 -13.41 -13.70
N GLU A 140 1.23 -13.47 -14.87
CA GLU A 140 0.59 -14.70 -15.34
C GLU A 140 -0.63 -15.02 -14.49
N ARG A 141 -1.38 -13.98 -14.10
CA ARG A 141 -2.62 -14.08 -13.32
C ARG A 141 -2.39 -14.59 -11.90
N ARG A 142 -1.19 -14.34 -11.36
CA ARG A 142 -0.81 -14.83 -10.05
C ARG A 142 -0.10 -13.75 -9.25
N LEU A 143 -0.32 -13.79 -7.94
CA LEU A 143 0.37 -12.89 -7.06
C LEU A 143 1.78 -13.37 -6.79
N LEU A 144 2.72 -12.44 -6.91
CA LEU A 144 4.14 -12.68 -6.70
C LEU A 144 4.44 -12.59 -5.22
N THR A 145 4.63 -13.74 -4.56
CA THR A 145 4.94 -13.76 -3.13
C THR A 145 6.13 -14.63 -2.76
N GLU A 146 6.64 -15.47 -3.65
CA GLU A 146 7.68 -16.38 -3.17
C GLU A 146 9.07 -15.78 -3.36
N PRO A 147 10.05 -16.14 -2.52
CA PRO A 147 9.93 -16.97 -1.30
C PRO A 147 9.61 -16.25 0.05
N ASN A 148 9.91 -14.94 0.22
CA ASN A 148 9.80 -14.29 1.53
C ASN A 148 8.93 -13.04 1.50
N GLY A 149 7.89 -13.00 0.67
CA GLY A 149 6.97 -11.88 0.70
C GLY A 149 7.56 -10.53 0.30
N VAL A 150 8.87 -10.51 0.04
CA VAL A 150 9.53 -9.28 -0.35
C VAL A 150 9.06 -8.80 -1.71
N ALA A 151 8.48 -9.69 -2.51
CA ALA A 151 8.07 -9.34 -3.87
C ALA A 151 6.99 -8.27 -3.86
N GLY A 152 7.22 -7.20 -4.61
CA GLY A 152 6.28 -6.10 -4.69
C GLY A 152 6.75 -4.81 -4.07
N HIS A 153 7.91 -4.80 -3.41
CA HIS A 153 8.35 -3.66 -2.63
C HIS A 153 9.01 -2.60 -3.51
N ILE A 154 8.25 -2.15 -4.51
CA ILE A 154 8.83 -1.25 -5.53
C ILE A 154 8.93 0.18 -5.05
N GLY A 155 8.48 0.48 -3.84
CA GLY A 155 8.77 1.82 -3.37
C GLY A 155 10.22 2.01 -3.02
N HIS A 156 11.00 0.94 -2.97
CA HIS A 156 12.41 1.01 -2.60
C HIS A 156 13.29 0.52 -3.74
N THR A 157 12.79 0.71 -4.95
CA THR A 157 13.62 0.76 -6.14
C THR A 157 14.01 2.20 -6.42
N LEU A 158 15.16 2.38 -7.06
CA LEU A 158 15.77 3.68 -7.20
C LEU A 158 14.93 4.62 -8.07
N ALA A 159 14.72 5.85 -7.56
CA ALA A 159 14.14 6.94 -8.33
C ALA A 159 15.13 8.03 -8.70
N ASP A 160 16.15 8.29 -7.86
CA ASP A 160 17.19 9.30 -8.13
C ASP A 160 18.48 9.01 -7.37
N PRO A 161 19.61 8.79 -8.06
CA PRO A 161 20.88 8.53 -7.34
C PRO A 161 21.32 9.68 -6.45
N ASN A 162 21.05 10.94 -6.81
CA ASN A 162 21.32 12.09 -5.97
C ASN A 162 20.14 12.48 -5.12
N GLY A 163 19.26 11.53 -4.81
CA GLY A 163 18.02 11.84 -4.13
C GLY A 163 18.18 11.81 -2.63
N PRO A 164 17.11 12.13 -1.92
CA PRO A 164 17.13 12.05 -0.46
C PRO A 164 17.37 10.62 -0.01
N VAL A 165 17.76 10.47 1.26
CA VAL A 165 18.01 9.16 1.84
C VAL A 165 16.71 8.62 2.45
N CYS A 166 16.41 7.37 2.17
CA CYS A 166 15.14 6.78 2.58
C CYS A 166 15.18 6.36 4.05
N GLY A 167 14.00 6.12 4.61
CA GLY A 167 13.95 5.51 5.93
C GLY A 167 14.58 4.14 5.94
N CYS A 168 14.48 3.41 4.82
CA CYS A 168 15.04 2.06 4.72
C CYS A 168 16.56 2.06 4.76
N GLY A 169 17.19 3.19 4.48
CA GLY A 169 18.64 3.33 4.57
C GLY A 169 19.30 3.61 3.25
N ARG A 170 18.61 3.33 2.14
CA ARG A 170 19.16 3.43 0.80
C ARG A 170 18.90 4.81 0.21
N VAL A 171 19.86 5.31 -0.55
CA VAL A 171 19.71 6.60 -1.22
C VAL A 171 18.78 6.45 -2.42
N GLY A 172 17.73 7.27 -2.47
CA GLY A 172 17.05 7.60 -3.70
C GLY A 172 15.79 6.82 -4.04
N CYS A 173 15.26 6.02 -3.13
CA CYS A 173 14.07 5.23 -3.42
C CYS A 173 12.90 6.10 -3.89
N VAL A 174 12.06 5.53 -4.76
CA VAL A 174 10.81 6.17 -5.17
C VAL A 174 10.05 6.69 -3.96
N GLU A 175 9.97 5.87 -2.90
CA GLU A 175 9.28 6.28 -1.68
C GLU A 175 9.91 7.54 -1.11
N ALA A 176 11.24 7.65 -1.16
CA ALA A 176 11.94 8.75 -0.51
C ALA A 176 11.62 10.09 -1.16
N VAL A 177 11.10 10.07 -2.38
CA VAL A 177 10.84 11.28 -3.14
C VAL A 177 9.39 11.39 -3.59
N ALA A 178 8.60 10.31 -3.56
CA ALA A 178 7.24 10.34 -4.10
C ALA A 178 6.11 10.18 -3.09
N ALA A 179 6.35 9.56 -1.92
CA ALA A 179 5.26 9.18 -1.04
C ALA A 179 4.60 10.41 -0.43
N GLY A 180 3.47 10.17 0.26
CA GLY A 180 2.90 11.22 1.08
C GLY A 180 3.89 11.76 2.09
N ARG A 181 4.70 10.89 2.70
CA ARG A 181 5.58 11.36 3.76
C ARG A 181 6.77 12.11 3.21
N ALA A 182 7.19 11.79 1.97
CA ALA A 182 8.24 12.59 1.33
C ALA A 182 7.73 14.00 1.01
N ILE A 183 6.51 14.09 0.46
CA ILE A 183 5.89 15.38 0.22
C ILE A 183 5.78 16.16 1.53
N GLU A 184 5.14 15.54 2.53
CA GLU A 184 4.92 16.18 3.82
C GLU A 184 6.24 16.63 4.44
N ALA A 185 7.30 15.87 4.24
CA ALA A 185 8.59 16.25 4.82
C ALA A 185 9.12 17.55 4.24
N VAL A 186 8.72 17.89 3.01
CA VAL A 186 9.14 19.14 2.39
C VAL A 186 8.16 20.26 2.68
N SER A 187 6.86 19.92 2.72
CA SER A 187 5.78 20.90 2.86
C SER A 187 5.55 21.29 4.30
N SER A 188 5.76 20.39 5.24
CA SER A 188 5.61 20.73 6.65
C SER A 188 6.73 21.63 7.15
N GLN A 189 7.81 21.80 6.38
CA GLN A 189 8.87 22.72 6.74
C GLN A 189 8.79 24.02 5.97
N TRP A 190 7.66 24.27 5.30
CA TRP A 190 7.42 25.54 4.65
C TRP A 190 6.95 26.55 5.69
N ASN A 191 7.04 27.84 5.35
CA ASN A 191 6.52 28.88 6.24
C ASN A 191 5.37 29.64 5.58
N PRO A 192 4.12 29.36 5.94
CA PRO A 192 3.66 28.45 6.99
C PRO A 192 3.64 26.98 6.56
N PRO A 193 3.63 26.06 7.53
CA PRO A 193 3.60 24.64 7.19
C PRO A 193 2.33 24.23 6.45
N CYS A 194 2.48 23.21 5.62
CA CYS A 194 1.44 22.68 4.76
C CYS A 194 1.37 21.17 4.94
N THR A 195 0.15 20.66 5.13
CA THR A 195 -0.05 19.24 4.96
C THR A 195 0.04 18.91 3.47
N PRO A 196 0.33 17.66 3.13
CA PRO A 196 0.26 17.26 1.71
C PRO A 196 -1.05 17.63 1.04
N LYS A 197 -2.18 17.52 1.74
CA LYS A 197 -3.47 17.89 1.17
C LYS A 197 -3.50 19.36 0.82
N GLN A 198 -2.90 20.20 1.65
CA GLN A 198 -2.86 21.64 1.39
C GLN A 198 -1.84 21.98 0.31
N ALA A 199 -0.77 21.19 0.18
CA ALA A 199 0.17 21.37 -0.92
C ALA A 199 -0.51 21.16 -2.26
N PHE A 200 -1.30 20.08 -2.37
CA PHE A 200 -2.10 19.83 -3.56
C PHE A 200 -3.03 20.99 -3.89
N GLU A 201 -3.63 21.61 -2.87
CA GLU A 201 -4.53 22.74 -3.13
C GLU A 201 -3.79 23.89 -3.80
N LEU A 202 -2.57 24.19 -3.34
CA LEU A 202 -1.73 25.18 -4.01
C LEU A 202 -1.28 24.70 -5.40
N PHE A 203 -0.99 23.41 -5.54
CA PHE A 203 -0.70 22.83 -6.85
C PHE A 203 -1.84 23.10 -7.83
N ARG A 204 -3.07 22.84 -7.40
CA ARG A 204 -4.23 23.04 -8.27
C ARG A 204 -4.42 24.51 -8.62
N LYS A 205 -3.77 25.42 -7.91
CA LYS A 205 -3.81 26.84 -8.23
C LYS A 205 -2.53 27.28 -8.96
N ASN A 206 -1.75 26.33 -9.48
CA ASN A 206 -0.56 26.57 -10.28
C ASN A 206 0.54 27.30 -9.52
N ASP A 207 0.64 27.12 -8.19
CA ASP A 207 1.81 27.65 -7.48
C ASP A 207 3.04 26.86 -7.90
N GLU A 208 4.07 27.57 -8.36
CA GLU A 208 5.24 26.85 -8.85
C GLU A 208 5.96 26.10 -7.74
N LYS A 209 6.09 26.69 -6.55
CA LYS A 209 6.75 25.97 -5.45
C LYS A 209 6.01 24.69 -5.12
N ALA A 210 4.70 24.75 -4.98
CA ALA A 210 3.97 23.54 -4.67
C ALA A 210 3.97 22.58 -5.85
N THR A 211 3.91 23.11 -7.09
CA THR A 211 3.87 22.25 -8.27
C THR A 211 5.13 21.42 -8.39
N ALA A 212 6.28 22.08 -8.24
CA ALA A 212 7.57 21.40 -8.21
C ALA A 212 7.56 20.21 -7.25
N LEU A 213 7.07 20.43 -6.03
CA LEU A 213 6.99 19.33 -5.05
C LEU A 213 6.16 18.17 -5.57
N ILE A 214 5.00 18.46 -6.18
CA ILE A 214 4.10 17.41 -6.64
C ILE A 214 4.65 16.75 -7.90
N GLN A 215 5.25 17.54 -8.80
CA GLN A 215 5.91 16.99 -9.99
C GLN A 215 7.06 16.06 -9.64
N ARG A 216 7.87 16.42 -8.62
CA ARG A 216 8.91 15.52 -8.13
C ARG A 216 8.33 14.14 -7.84
N SER A 217 7.12 14.09 -7.28
CA SER A 217 6.50 12.80 -6.97
C SER A 217 5.86 12.13 -8.18
N ALA A 218 5.18 12.88 -9.05
CA ALA A 218 4.50 12.24 -10.15
C ALA A 218 5.48 11.62 -11.13
N SER A 219 6.54 12.36 -11.48
CA SER A 219 7.59 11.89 -12.37
C SER A 219 8.21 10.57 -11.89
N ALA A 220 8.59 10.49 -10.62
CA ALA A 220 9.12 9.24 -10.09
C ALA A 220 8.18 8.07 -10.34
N ILE A 221 6.87 8.26 -10.10
CA ILE A 221 5.93 7.17 -10.29
C ILE A 221 5.80 6.83 -11.75
N ALA A 222 5.70 7.85 -12.60
CA ALA A 222 5.68 7.60 -14.05
C ALA A 222 6.85 6.71 -14.44
N ASN A 223 8.06 7.06 -13.97
CA ASN A 223 9.25 6.25 -14.22
C ASN A 223 9.14 4.86 -13.65
N LEU A 224 8.60 4.75 -12.44
CA LEU A 224 8.43 3.43 -11.86
C LEU A 224 7.51 2.57 -12.72
N ILE A 225 6.45 3.17 -13.26
CA ILE A 225 5.56 2.44 -14.14
C ILE A 225 6.29 2.02 -15.42
N ALA A 226 7.05 2.95 -16.02
CA ALA A 226 7.85 2.62 -17.20
C ALA A 226 8.78 1.45 -16.92
N ASP A 227 9.46 1.50 -15.77
CA ASP A 227 10.31 0.40 -15.34
C ASP A 227 9.55 -0.91 -15.26
N LEU A 228 8.29 -0.86 -14.82
CA LEU A 228 7.51 -2.09 -14.73
C LEU A 228 7.07 -2.56 -16.11
N VAL A 229 6.68 -1.63 -17.00
CA VAL A 229 6.26 -2.01 -18.35
C VAL A 229 7.44 -2.60 -19.12
N ILE A 230 8.58 -1.92 -19.09
CA ILE A 230 9.69 -2.42 -19.88
C ILE A 230 10.32 -3.63 -19.24
N GLY A 231 10.33 -3.72 -17.92
CA GLY A 231 11.04 -4.82 -17.28
C GLY A 231 10.24 -6.10 -17.09
N LEU A 232 8.92 -5.99 -16.98
CA LEU A 232 8.08 -7.15 -16.68
C LEU A 232 6.97 -7.35 -17.71
N ASP A 233 6.87 -6.47 -18.71
CA ASP A 233 5.75 -6.47 -19.66
C ASP A 233 4.42 -6.36 -18.92
N VAL A 234 4.39 -5.50 -17.90
CA VAL A 234 3.13 -5.21 -17.23
C VAL A 234 2.19 -4.52 -18.20
N GLN A 235 0.98 -5.09 -18.36
CA GLN A 235 -0.02 -4.62 -19.31
C GLN A 235 -0.86 -3.50 -18.74
N LYS A 236 -1.20 -3.61 -17.45
CA LYS A 236 -2.02 -2.65 -16.73
C LYS A 236 -1.40 -2.31 -15.38
N VAL A 237 -1.48 -1.03 -15.02
CA VAL A 237 -1.11 -0.53 -13.71
C VAL A 237 -2.30 0.24 -13.15
N VAL A 238 -2.78 -0.15 -11.97
CA VAL A 238 -3.81 0.57 -11.25
C VAL A 238 -3.16 1.28 -10.05
N VAL A 239 -3.50 2.55 -9.86
CA VAL A 239 -2.80 3.44 -8.93
C VAL A 239 -3.80 3.95 -7.88
N GLY A 240 -3.55 3.66 -6.60
CA GLY A 240 -4.39 4.08 -5.50
C GLY A 240 -3.70 4.90 -4.42
N GLY A 241 -4.27 4.96 -3.21
CA GLY A 241 -3.67 5.67 -2.09
C GLY A 241 -4.13 7.12 -1.96
N SER A 242 -3.83 7.73 -0.81
CA SER A 242 -4.29 9.09 -0.59
C SER A 242 -3.60 10.11 -1.50
N VAL A 243 -2.51 9.74 -2.17
CA VAL A 243 -1.89 10.61 -3.15
C VAL A 243 -2.20 10.20 -4.59
N GLY A 244 -2.30 8.90 -4.87
CA GLY A 244 -2.70 8.49 -6.21
C GLY A 244 -4.07 9.01 -6.61
N LEU A 245 -5.00 9.05 -5.66
CA LEU A 245 -6.37 9.45 -5.91
C LEU A 245 -6.57 10.95 -5.75
N ALA A 246 -5.52 11.68 -5.36
CA ALA A 246 -5.59 13.13 -5.31
C ALA A 246 -5.94 13.69 -6.68
N GLU A 247 -6.86 14.64 -6.70
CA GLU A 247 -7.34 15.22 -7.94
C GLU A 247 -6.21 15.96 -8.63
N GLY A 248 -5.89 15.53 -9.86
CA GLY A 248 -4.87 16.13 -10.68
C GLY A 248 -3.61 15.28 -10.81
N TYR A 249 -3.54 14.17 -10.10
CA TYR A 249 -2.28 13.42 -9.93
C TYR A 249 -2.07 12.39 -11.02
N LEU A 250 -2.91 11.36 -11.05
CA LEU A 250 -2.82 10.40 -12.15
C LEU A 250 -2.81 11.07 -13.51
N PRO A 251 -3.62 12.10 -13.79
CA PRO A 251 -3.36 12.91 -15.00
C PRO A 251 -1.91 13.38 -15.13
N LEU A 252 -1.27 13.77 -14.03
CA LEU A 252 0.09 14.28 -14.14
C LEU A 252 1.08 13.15 -14.36
N VAL A 253 0.94 12.05 -13.62
CA VAL A 253 1.74 10.88 -13.90
C VAL A 253 1.67 10.54 -15.39
N LYS A 254 0.46 10.31 -15.89
CA LYS A 254 0.26 9.90 -17.27
C LYS A 254 0.90 10.88 -18.27
N GLN A 255 1.01 12.16 -17.92
CA GLN A 255 1.64 13.11 -18.84
C GLN A 255 3.10 12.78 -19.06
N TYR A 256 3.82 12.48 -17.98
CA TYR A 256 5.22 12.08 -18.08
C TYR A 256 5.35 10.74 -18.81
N LEU A 257 4.43 9.81 -18.57
CA LEU A 257 4.52 8.52 -19.21
C LEU A 257 4.40 8.64 -20.72
N ASN A 258 3.65 9.63 -21.22
CA ASN A 258 3.42 9.72 -22.64
C ASN A 258 4.57 10.41 -23.37
N THR A 259 5.39 11.21 -22.68
CA THR A 259 6.62 11.73 -23.29
C THR A 259 7.67 10.64 -23.52
N MET A 260 7.47 9.45 -22.99
CA MET A 260 8.39 8.35 -23.20
C MET A 260 8.05 7.57 -24.48
N PRO A 261 9.03 6.90 -25.06
CA PRO A 261 8.76 6.03 -26.22
C PRO A 261 7.61 5.07 -25.94
N HIS A 262 6.93 4.65 -27.01
CA HIS A 262 5.72 3.84 -26.87
C HIS A 262 6.02 2.48 -26.26
N PHE A 263 7.29 2.09 -26.21
CA PHE A 263 7.64 0.84 -25.57
C PHE A 263 7.27 0.83 -24.09
N TYR A 264 7.13 2.01 -23.50
CA TYR A 264 6.91 2.16 -22.07
C TYR A 264 5.45 2.44 -21.73
N HIS A 265 4.56 2.43 -22.73
CA HIS A 265 3.16 2.70 -22.50
C HIS A 265 2.41 1.42 -22.15
N CYS A 266 1.28 1.61 -21.48
CA CYS A 266 0.38 0.57 -21.01
C CYS A 266 -0.83 1.28 -20.45
N THR A 267 -1.85 0.50 -20.08
CA THR A 267 -3.03 1.08 -19.45
C THR A 267 -2.74 1.48 -18.00
N VAL A 268 -3.10 2.72 -17.65
CA VAL A 268 -2.85 3.25 -16.32
C VAL A 268 -4.14 3.89 -15.79
N GLU A 269 -4.66 3.34 -14.68
CA GLU A 269 -6.02 3.56 -14.22
C GLU A 269 -6.08 3.81 -12.72
N GLN A 270 -7.13 4.51 -12.29
CA GLN A 270 -7.37 4.72 -10.87
C GLN A 270 -8.05 3.51 -10.23
N ALA A 271 -7.80 3.35 -8.94
CA ALA A 271 -8.30 2.18 -8.22
C ALA A 271 -9.79 2.32 -7.92
N ARG A 272 -10.52 1.22 -8.12
CA ARG A 272 -11.96 1.21 -7.99
C ARG A 272 -12.44 0.91 -6.57
N HIS A 273 -11.56 0.52 -5.65
CA HIS A 273 -11.98 0.00 -4.35
C HIS A 273 -11.54 0.84 -3.15
N GLY A 274 -10.88 1.98 -3.34
CA GLY A 274 -10.48 2.85 -2.26
C GLY A 274 -9.87 2.12 -1.08
N GLN A 275 -10.16 2.63 0.12
CA GLN A 275 -9.53 2.12 1.34
C GLN A 275 -10.09 0.77 1.79
N ASP A 276 -11.11 0.24 1.11
CA ASP A 276 -11.61 -1.09 1.41
C ASP A 276 -10.83 -2.19 0.69
N ALA A 277 -9.97 -1.84 -0.26
CA ALA A 277 -9.30 -2.85 -1.08
C ALA A 277 -8.42 -3.75 -0.22
N GLY A 278 -7.77 -3.20 0.79
CA GLY A 278 -6.92 -4.02 1.64
C GLY A 278 -7.70 -5.13 2.33
N LEU A 279 -8.88 -4.82 2.86
CA LEU A 279 -9.69 -5.81 3.56
C LEU A 279 -10.26 -6.84 2.60
N LEU A 280 -10.94 -6.37 1.55
CA LEU A 280 -11.47 -7.24 0.50
C LEU A 280 -10.40 -8.19 -0.02
N GLY A 281 -9.34 -7.62 -0.59
CA GLY A 281 -8.27 -8.43 -1.15
C GLY A 281 -7.71 -9.44 -0.17
N ALA A 282 -7.47 -9.00 1.07
CA ALA A 282 -6.88 -9.92 2.05
C ALA A 282 -7.81 -11.08 2.34
N ALA A 283 -9.12 -10.84 2.28
CA ALA A 283 -10.09 -11.91 2.48
C ALA A 283 -10.03 -12.93 1.36
N TRP A 284 -10.17 -12.46 0.11
CA TRP A 284 -10.15 -13.36 -1.03
C TRP A 284 -8.87 -14.19 -1.07
N TRP A 285 -7.75 -13.57 -0.71
CA TRP A 285 -6.49 -14.30 -0.81
C TRP A 285 -6.35 -15.34 0.29
N VAL A 286 -7.05 -15.18 1.41
CA VAL A 286 -7.04 -16.24 2.42
C VAL A 286 -8.15 -17.28 2.15
N ALA A 287 -9.24 -16.87 1.51
CA ALA A 287 -10.15 -17.83 0.87
C ALA A 287 -9.42 -18.75 -0.12
N ASP A 288 -8.90 -18.18 -1.22
CA ASP A 288 -8.15 -18.95 -2.22
C ASP A 288 -7.09 -19.84 -1.59
N CYS A 289 -6.60 -19.50 -0.40
CA CYS A 289 -5.46 -20.23 0.15
C CYS A 289 -5.85 -21.48 0.91
N LEU A 290 -7.08 -21.55 1.39
CA LEU A 290 -7.64 -22.73 2.03
C LEU A 290 -8.46 -23.55 1.05
N LYS A 291 -8.41 -23.19 -0.24
CA LYS A 291 -9.09 -23.88 -1.32
C LYS A 291 -10.60 -23.66 -1.17
#